data_2B4Q
#
_entry.id   2B4Q
#
_cell.length_a   73.138
_cell.length_b   142.610
_cell.length_c   95.684
_cell.angle_alpha   90.00
_cell.angle_beta   90.00
_cell.angle_gamma   90.00
#
_symmetry.space_group_name_H-M   'C 2 2 21'
#
loop_
_entity.id
_entity.type
_entity.pdbx_description
1 polymer 'Rhamnolipids biosynthesis 3-oxoacyl-[acyl-carrier-protein] reductase'
2 non-polymer 'NADP NICOTINAMIDE-ADENINE-DINUCLEOTIDE PHOSPHATE'
3 water water
#
_entity_poly.entity_id   1
_entity_poly.type   'polypeptide(L)'
_entity_poly.pdbx_seq_one_letter_code
;MGSSHHHHHHSSGLVPRGSHMHPYFSLAGRIALVTGGSRGIGQMIAQGLLEAGARVFICARDAEACADTATRLSAYGDCQ
AIPADLSSEAGARRLAQALGELSARLDILVNNAGTSWGAALESYPVSGWEKVMQLNVTSVFSCIQQLLPLLRRSASAENP
ARVINIGSVAGISAMGEQAYAYGPSKAALHQLSRMLAKELVGEHINVNVIAPGRFPSRMTRHIANDPQALEADSASIPMG
RWGRPEEMAALAISLAGTAGAYMTGNVIPIDGGFHL
;
_entity_poly.pdbx_strand_id   A,B
#
loop_
_chem_comp.id
_chem_comp.type
_chem_comp.name
_chem_comp.formula
NAP non-polymer 'NADP NICOTINAMIDE-ADENINE-DINUCLEOTIDE PHOSPHATE' 'C21 H28 N7 O17 P3'
#
# COMPACT_ATOMS: atom_id res chain seq x y z
N MET A 21 27.57 -1.43 27.10
CA MET A 21 26.64 -2.21 26.23
C MET A 21 27.39 -3.39 25.60
N HIS A 22 26.89 -4.60 25.86
CA HIS A 22 27.44 -5.85 25.32
C HIS A 22 27.61 -5.78 23.80
N PRO A 23 28.72 -6.34 23.27
CA PRO A 23 29.02 -6.40 21.83
C PRO A 23 27.86 -6.76 20.90
N TYR A 24 26.96 -7.65 21.32
CA TYR A 24 25.78 -8.03 20.54
C TYR A 24 24.82 -6.87 20.27
N PHE A 25 24.73 -5.95 21.22
CA PHE A 25 23.74 -4.86 21.14
C PHE A 25 24.36 -3.48 21.01
N SER A 26 25.67 -3.40 21.22
CA SER A 26 26.40 -2.15 21.11
C SER A 26 26.38 -1.58 19.69
N LEU A 27 26.06 -0.30 19.61
CA LEU A 27 26.14 0.47 18.37
C LEU A 27 27.22 1.55 18.45
N ALA A 28 28.24 1.31 19.29
CA ALA A 28 29.34 2.25 19.47
C ALA A 28 30.15 2.43 18.18
N GLY A 29 30.30 3.68 17.75
CA GLY A 29 30.98 3.98 16.50
C GLY A 29 30.05 4.09 15.31
N ARG A 30 28.79 3.75 15.51
CA ARG A 30 27.78 3.78 14.44
C ARG A 30 27.09 5.14 14.35
N ILE A 31 26.82 5.58 13.12
CA ILE A 31 26.15 6.85 12.88
C ILE A 31 24.72 6.61 12.40
N ALA A 32 23.77 7.15 13.16
CA ALA A 32 22.35 6.93 12.88
C ALA A 32 21.60 8.24 12.55
N LEU A 33 20.56 8.11 11.73
CA LEU A 33 19.60 9.18 11.49
C LEU A 33 18.18 8.66 11.69
N VAL A 34 17.45 9.31 12.59
CA VAL A 34 16.05 8.97 12.82
C VAL A 34 15.19 10.16 12.36
N THR A 35 14.43 9.96 11.29
CA THR A 35 13.48 10.95 10.83
C THR A 35 12.24 10.88 11.72
N GLY A 36 11.56 12.01 11.90
CA GLY A 36 10.49 12.12 12.87
C GLY A 36 10.91 11.78 14.30
N GLY A 37 12.15 12.13 14.66
CA GLY A 37 12.74 11.76 15.95
C GLY A 37 12.55 12.76 17.08
N SER A 38 11.78 13.81 16.84
CA SER A 38 11.61 14.86 17.83
C SER A 38 10.60 14.49 18.92
N ARG A 39 9.70 13.57 18.60
CA ARG A 39 8.68 13.12 19.54
C ARG A 39 8.20 11.73 19.14
N GLY A 40 7.34 11.15 19.97
CA GLY A 40 6.71 9.85 19.69
C GLY A 40 7.68 8.69 19.62
N ILE A 41 7.39 7.77 18.69
CA ILE A 41 8.20 6.58 18.44
C ILE A 41 9.61 6.94 17.95
N GLY A 42 9.71 7.94 17.08
CA GLY A 42 11.01 8.46 16.66
C GLY A 42 11.92 8.81 17.82
N GLN A 43 11.35 9.47 18.83
CA GLN A 43 12.09 9.87 20.02
C GLN A 43 12.53 8.68 20.88
N MET A 44 11.64 7.70 21.06
CA MET A 44 11.96 6.47 21.78
C MET A 44 13.12 5.75 21.11
N ILE A 45 13.06 5.67 19.78
CA ILE A 45 14.09 5.00 19.00
C ILE A 45 15.41 5.76 19.10
N ALA A 46 15.34 7.09 18.90
CA ALA A 46 16.52 7.94 19.03
C ALA A 46 17.23 7.76 20.37
N GLN A 47 16.47 7.76 21.46
CA GLN A 47 17.05 7.55 22.78
C GLN A 47 17.68 6.16 22.89
N GLY A 48 16.93 5.15 22.44
CA GLY A 48 17.44 3.78 22.44
C GLY A 48 18.79 3.63 21.76
N LEU A 49 18.91 4.15 20.54
CA LEU A 49 20.16 4.07 19.77
C LEU A 49 21.31 4.82 20.44
N LEU A 50 20.99 5.99 21.01
CA LEU A 50 21.94 6.77 21.79
C LEU A 50 22.51 5.98 22.96
N GLU A 51 21.63 5.34 23.73
CA GLU A 51 22.03 4.51 24.86
C GLU A 51 22.86 3.30 24.42
N ALA A 52 22.67 2.87 23.17
CA ALA A 52 23.46 1.77 22.59
C ALA A 52 24.86 2.19 22.14
N GLY A 53 25.13 3.49 22.18
CA GLY A 53 26.45 4.03 21.87
C GLY A 53 26.52 4.71 20.51
N ALA A 54 25.39 4.75 19.81
CA ALA A 54 25.34 5.32 18.47
C ALA A 54 25.38 6.86 18.53
N ARG A 55 25.97 7.44 17.50
CA ARG A 55 25.94 8.88 17.29
C ARG A 55 24.69 9.12 16.44
N VAL A 56 23.69 9.77 17.02
CA VAL A 56 22.41 9.91 16.32
C VAL A 56 21.90 11.31 16.05
N PHE A 57 21.64 11.54 14.77
CA PHE A 57 20.98 12.73 14.30
C PHE A 57 19.47 12.48 14.28
N ILE A 58 18.71 13.56 14.47
CA ILE A 58 17.25 13.52 14.40
C ILE A 58 16.74 14.67 13.56
N CYS A 59 15.61 14.46 12.88
CA CYS A 59 15.01 15.52 12.09
C CYS A 59 13.49 15.56 12.19
N ALA A 60 12.95 16.76 12.05
CA ALA A 60 11.51 17.03 12.05
C ALA A 60 11.27 18.39 11.41
N ARG A 61 9.99 18.77 11.26
CA ARG A 61 9.62 20.07 10.70
C ARG A 61 9.86 21.20 11.70
N ASP A 62 9.35 20.99 12.91
CA ASP A 62 9.48 21.95 13.99
C ASP A 62 10.93 22.05 14.46
N ALA A 63 11.63 23.05 13.93
CA ALA A 63 13.06 23.27 14.22
C ALA A 63 13.38 23.38 15.70
N GLU A 64 12.55 24.13 16.43
CA GLU A 64 12.76 24.41 17.85
C GLU A 64 12.49 23.19 18.72
N ALA A 65 11.40 22.49 18.41
CA ALA A 65 11.00 21.29 19.15
C ALA A 65 12.04 20.18 18.98
N CYS A 66 12.56 20.07 17.75
CA CYS A 66 13.58 19.08 17.42
C CYS A 66 14.90 19.35 18.12
N ALA A 67 15.30 20.62 18.14
CA ALA A 67 16.50 21.05 18.86
C ALA A 67 16.36 20.84 20.37
N ASP A 68 15.16 21.12 20.90
CA ASP A 68 14.87 20.87 22.32
C ASP A 68 14.97 19.39 22.65
N THR A 69 14.43 18.54 21.76
CA THR A 69 14.55 17.08 21.89
C THR A 69 16.01 16.64 21.90
N ALA A 70 16.78 17.06 20.90
CA ALA A 70 18.20 16.71 20.78
C ALA A 70 19.01 17.07 22.04
N THR A 71 18.72 18.23 22.60
CA THR A 71 19.32 18.69 23.86
C THR A 71 18.94 17.76 25.02
N ARG A 72 17.65 17.48 25.14
CA ARG A 72 17.17 16.53 26.14
C ARG A 72 17.79 15.14 25.96
N LEU A 73 17.90 14.69 24.71
CA LEU A 73 18.50 13.38 24.39
C LEU A 73 20.03 13.37 24.53
N SER A 74 20.63 14.55 24.62
CA SER A 74 22.09 14.67 24.79
C SER A 74 22.57 14.10 26.12
N ALA A 75 21.64 13.86 27.04
CA ALA A 75 21.92 13.13 28.27
C ALA A 75 22.35 11.68 28.01
N TYR A 76 22.15 11.19 26.79
CA TYR A 76 22.41 9.77 26.47
C TYR A 76 23.59 9.54 25.51
N GLY A 77 24.06 10.61 24.89
CA GLY A 77 25.15 10.55 23.92
C GLY A 77 25.09 11.71 22.96
N ASP A 78 25.87 11.63 21.88
CA ASP A 78 25.94 12.70 20.89
C ASP A 78 24.70 12.75 20.01
N CYS A 79 23.76 13.62 20.39
CA CYS A 79 22.55 13.84 19.62
C CYS A 79 22.48 15.25 19.02
N GLN A 80 22.15 15.32 17.74
CA GLN A 80 22.06 16.58 17.02
C GLN A 80 20.84 16.61 16.10
N ALA A 81 20.15 17.74 16.09
CA ALA A 81 18.97 17.94 15.26
C ALA A 81 19.34 18.52 13.89
N ILE A 82 18.68 18.00 12.86
CA ILE A 82 18.74 18.57 11.52
C ILE A 82 17.29 18.85 11.10
N PRO A 83 16.84 20.12 11.19
CA PRO A 83 15.48 20.44 10.73
C PRO A 83 15.29 20.10 9.25
N ALA A 84 14.16 19.45 8.93
CA ALA A 84 13.88 19.02 7.57
C ALA A 84 12.39 18.78 7.37
N ASP A 85 11.86 19.23 6.24
CA ASP A 85 10.47 18.95 5.90
C ASP A 85 10.43 17.93 4.76
N LEU A 86 10.10 16.70 5.13
CA LEU A 86 10.11 15.56 4.23
C LEU A 86 8.88 15.47 3.32
N SER A 87 7.94 16.40 3.49
CA SER A 87 6.68 16.41 2.70
C SER A 87 6.84 16.83 1.24
N SER A 88 8.08 16.96 0.78
CA SER A 88 8.39 17.15 -0.65
C SER A 88 9.73 16.50 -0.99
N GLU A 89 9.98 16.29 -2.28
CA GLU A 89 11.25 15.70 -2.73
C GLU A 89 12.43 16.59 -2.35
N ALA A 90 12.27 17.89 -2.54
CA ALA A 90 13.31 18.89 -2.22
C ALA A 90 13.79 18.82 -0.77
N GLY A 91 12.87 18.53 0.16
CA GLY A 91 13.18 18.39 1.58
C GLY A 91 14.08 17.21 1.91
N ALA A 92 13.84 16.08 1.24
CA ALA A 92 14.67 14.89 1.38
C ALA A 92 16.08 15.12 0.84
N ARG A 93 16.17 15.87 -0.26
CA ARG A 93 17.45 16.24 -0.87
C ARG A 93 18.27 17.14 0.04
N ARG A 94 17.62 18.12 0.66
CA ARG A 94 18.27 19.03 1.61
C ARG A 94 18.77 18.29 2.86
N LEU A 95 17.95 17.39 3.39
CA LEU A 95 18.35 16.56 4.53
C LEU A 95 19.62 15.77 4.23
N ALA A 96 19.68 15.18 3.03
CA ALA A 96 20.85 14.44 2.57
C ALA A 96 22.08 15.33 2.46
N GLN A 97 21.89 16.55 1.96
CA GLN A 97 22.96 17.54 1.88
C GLN A 97 23.41 18.02 3.26
N ALA A 98 22.46 18.28 4.15
CA ALA A 98 22.74 18.74 5.51
C ALA A 98 23.51 17.72 6.34
N LEU A 99 23.14 16.45 6.22
CA LEU A 99 23.83 15.37 6.91
C LEU A 99 25.22 15.12 6.31
N GLY A 100 25.31 15.31 5.00
CA GLY A 100 26.58 15.15 4.25
C GLY A 100 27.72 16.07 4.68
N GLU A 101 27.39 17.29 5.12
CA GLU A 101 28.41 18.21 5.65
C GLU A 101 28.78 17.86 7.10
N LEU A 102 27.91 17.09 7.74
CA LEU A 102 28.09 16.70 9.15
C LEU A 102 28.81 15.36 9.32
N SER A 103 28.61 14.45 8.35
CA SER A 103 29.13 13.09 8.42
C SER A 103 29.54 12.57 7.04
N ALA A 104 30.55 11.70 7.02
CA ALA A 104 31.08 11.13 5.77
C ALA A 104 30.36 9.84 5.33
N ARG A 105 29.61 9.23 6.24
CA ARG A 105 28.83 8.01 5.98
C ARG A 105 27.55 8.00 6.81
N LEU A 106 26.68 7.02 6.56
CA LEU A 106 25.51 6.77 7.38
C LEU A 106 25.34 5.26 7.55
N ASP A 107 25.46 4.81 8.80
CA ASP A 107 25.38 3.39 9.15
C ASP A 107 23.94 2.90 9.39
N ILE A 108 23.10 3.76 9.96
CA ILE A 108 21.73 3.41 10.36
C ILE A 108 20.75 4.51 9.95
N LEU A 109 19.82 4.16 9.05
CA LEU A 109 18.70 5.03 8.71
C LEU A 109 17.40 4.47 9.27
N VAL A 110 16.76 5.24 10.15
CA VAL A 110 15.43 4.91 10.67
C VAL A 110 14.40 5.88 10.08
N ASN A 111 13.49 5.34 9.28
CA ASN A 111 12.45 6.14 8.64
C ASN A 111 11.14 6.09 9.42
N ASN A 112 10.94 7.11 10.26
CA ASN A 112 9.81 7.14 11.19
C ASN A 112 8.70 8.13 10.84
N ALA A 113 9.04 9.29 10.30
CA ALA A 113 8.04 10.29 9.91
C ALA A 113 6.84 9.70 9.14
N GLY A 114 5.63 9.92 9.68
CA GLY A 114 4.38 9.45 9.06
C GLY A 114 3.14 10.07 9.70
N THR A 115 1.98 9.88 9.06
CA THR A 115 0.71 10.50 9.50
C THR A 115 -0.56 9.65 9.28
N SER A 116 -1.61 9.96 10.04
CA SER A 116 -2.94 9.36 9.86
C SER A 116 -3.99 10.39 9.41
N TRP A 117 -5.08 9.89 8.83
CA TRP A 117 -6.28 10.71 8.55
C TRP A 117 -7.55 9.92 8.81
N GLY A 118 -8.27 10.29 9.88
CA GLY A 118 -9.48 9.58 10.27
C GLY A 118 -10.74 10.38 10.02
N ALA A 119 -11.68 9.77 9.30
CA ALA A 119 -13.02 10.34 9.06
C ALA A 119 -13.96 9.26 8.56
N ALA A 120 -15.27 9.53 8.65
CA ALA A 120 -16.31 8.61 8.21
C ALA A 120 -16.11 8.13 6.76
N LEU A 121 -16.42 6.85 6.53
CA LEU A 121 -16.24 6.19 5.23
C LEU A 121 -16.91 6.94 4.08
N GLU A 122 -18.18 7.29 4.26
CA GLU A 122 -19.00 7.84 3.17
C GLU A 122 -18.98 9.36 3.05
N SER A 123 -18.18 10.03 3.88
CA SER A 123 -18.14 11.50 3.88
C SER A 123 -17.32 12.09 2.71
N TYR A 124 -16.18 12.73 3.03
CA TYR A 124 -15.46 13.53 2.03
C TYR A 124 -13.99 13.19 1.70
N PRO A 125 -13.13 12.97 2.73
CA PRO A 125 -11.66 12.94 2.56
C PRO A 125 -11.11 12.39 1.24
N VAL A 126 -10.30 13.20 0.57
CA VAL A 126 -9.51 12.79 -0.59
C VAL A 126 -8.13 13.46 -0.52
N SER A 127 -8.10 14.63 0.12
CA SER A 127 -6.85 15.37 0.36
C SER A 127 -6.09 14.72 1.50
N GLY A 128 -6.84 14.06 2.39
CA GLY A 128 -6.26 13.31 3.49
C GLY A 128 -5.43 12.16 2.96
N TRP A 129 -6.02 11.41 2.03
CA TRP A 129 -5.33 10.32 1.33
C TRP A 129 -4.01 10.76 0.72
N GLU A 130 -4.04 11.86 -0.04
CA GLU A 130 -2.85 12.35 -0.76
C GLU A 130 -1.69 12.70 0.18
N LYS A 131 -2.03 13.30 1.31
CA LYS A 131 -1.04 13.66 2.33
C LYS A 131 -0.47 12.40 3.01
N VAL A 132 -1.35 11.46 3.34
CA VAL A 132 -0.98 10.18 3.95
C VAL A 132 -0.02 9.36 3.06
N MET A 133 -0.37 9.21 1.78
CA MET A 133 0.46 8.45 0.83
C MET A 133 1.82 9.11 0.59
N GLN A 134 1.85 10.43 0.58
CA GLN A 134 3.10 11.17 0.35
C GLN A 134 4.10 10.96 1.49
N LEU A 135 3.65 11.14 2.73
CA LEU A 135 4.54 10.97 3.87
C LEU A 135 4.87 9.51 4.17
N ASN A 136 3.86 8.66 4.25
CA ASN A 136 4.06 7.27 4.69
C ASN A 136 4.77 6.39 3.66
N VAL A 137 4.74 6.78 2.40
CA VAL A 137 5.28 5.95 1.33
C VAL A 137 6.32 6.68 0.46
N THR A 138 5.86 7.68 -0.30
CA THR A 138 6.68 8.41 -1.27
C THR A 138 7.90 9.10 -0.63
N SER A 139 7.65 9.79 0.48
CA SER A 139 8.72 10.51 1.18
C SER A 139 9.79 9.58 1.76
N VAL A 140 9.39 8.36 2.12
CA VAL A 140 10.30 7.34 2.61
C VAL A 140 11.20 6.84 1.47
N PHE A 141 10.62 6.61 0.29
CA PHE A 141 11.42 6.23 -0.88
C PHE A 141 12.49 7.28 -1.22
N SER A 142 12.08 8.55 -1.31
CA SER A 142 12.98 9.63 -1.70
C SER A 142 14.07 9.82 -0.63
N CYS A 143 13.67 9.63 0.62
CA CYS A 143 14.57 9.69 1.75
C CYS A 143 15.73 8.72 1.60
N ILE A 144 15.40 7.44 1.35
CA ILE A 144 16.40 6.42 1.10
C ILE A 144 17.17 6.67 -0.20
N GLN A 145 16.45 7.05 -1.24
CA GLN A 145 17.01 7.39 -2.55
C GLN A 145 18.12 8.43 -2.40
N GLN A 146 17.82 9.53 -1.72
CA GLN A 146 18.78 10.64 -1.53
C GLN A 146 19.96 10.30 -0.62
N LEU A 147 19.78 9.30 0.26
CA LEU A 147 20.78 8.96 1.28
C LEU A 147 21.65 7.74 0.94
N LEU A 148 21.32 7.07 -0.16
CA LEU A 148 22.07 5.89 -0.63
C LEU A 148 23.59 6.07 -0.78
N PRO A 149 24.05 7.23 -1.29
CA PRO A 149 25.49 7.51 -1.28
C PRO A 149 26.18 7.45 0.09
N LEU A 150 25.56 8.01 1.13
CA LEU A 150 26.09 7.90 2.49
C LEU A 150 25.98 6.46 3.01
N LEU A 151 24.86 5.79 2.69
CA LEU A 151 24.65 4.38 3.03
C LEU A 151 25.69 3.45 2.41
N ARG A 152 25.99 3.66 1.13
CA ARG A 152 26.99 2.87 0.40
C ARG A 152 28.42 3.07 0.90
N ARG A 153 28.72 4.28 1.38
CA ARG A 153 30.02 4.60 1.97
C ARG A 153 30.23 3.88 3.29
N SER A 154 29.13 3.51 3.94
CA SER A 154 29.17 2.75 5.17
C SER A 154 29.22 1.25 4.93
N ALA A 155 28.45 0.79 3.94
CA ALA A 155 28.16 -0.62 3.72
C ALA A 155 29.40 -1.50 3.46
N SER A 156 29.47 -2.63 4.14
CA SER A 156 30.51 -3.63 3.88
C SER A 156 30.00 -5.05 4.17
N ALA A 157 30.82 -6.04 3.81
CA ALA A 157 30.50 -7.44 4.08
C ALA A 157 30.43 -7.70 5.59
N GLU A 158 31.43 -7.22 6.32
CA GLU A 158 31.54 -7.48 7.75
C GLU A 158 30.48 -6.76 8.60
N ASN A 159 29.94 -5.65 8.10
CA ASN A 159 28.80 -4.97 8.72
C ASN A 159 27.98 -4.15 7.72
N PRO A 160 26.81 -4.69 7.31
CA PRO A 160 25.93 -3.98 6.36
C PRO A 160 25.38 -2.66 6.91
N ALA A 161 25.14 -1.70 6.02
CA ALA A 161 24.36 -0.51 6.35
C ALA A 161 22.91 -0.94 6.61
N ARG A 162 22.25 -0.26 7.54
CA ARG A 162 20.90 -0.65 7.98
C ARG A 162 19.86 0.41 7.67
N VAL A 163 18.78 -0.02 7.02
CA VAL A 163 17.58 0.81 6.89
C VAL A 163 16.45 0.16 7.71
N ILE A 164 15.86 0.96 8.60
CA ILE A 164 14.74 0.53 9.43
C ILE A 164 13.55 1.47 9.23
N ASN A 165 12.48 0.93 8.63
CA ASN A 165 11.28 1.70 8.35
C ASN A 165 10.19 1.38 9.36
N ILE A 166 9.50 2.40 9.82
CA ILE A 166 8.39 2.23 10.75
C ILE A 166 7.09 2.10 9.97
N GLY A 167 6.57 0.87 9.94
CA GLY A 167 5.29 0.60 9.30
C GLY A 167 4.18 0.69 10.34
N SER A 168 3.27 -0.27 10.29
CA SER A 168 2.15 -0.33 11.21
C SER A 168 1.44 -1.67 11.04
N VAL A 169 0.89 -2.18 12.12
CA VAL A 169 0.03 -3.37 12.05
C VAL A 169 -1.30 -3.06 11.31
N ALA A 170 -1.64 -1.78 11.21
CA ALA A 170 -2.76 -1.34 10.38
C ALA A 170 -2.59 -1.73 8.91
N GLY A 171 -1.33 -1.87 8.47
CA GLY A 171 -1.02 -2.34 7.12
C GLY A 171 -1.08 -3.85 6.93
N ILE A 172 -1.25 -4.57 8.04
CA ILE A 172 -1.27 -6.04 8.06
C ILE A 172 -2.69 -6.55 8.32
N SER A 173 -3.26 -6.12 9.44
CA SER A 173 -4.59 -6.53 9.90
C SER A 173 -5.74 -5.90 9.11
N ALA A 174 -6.76 -6.71 8.83
CA ALA A 174 -8.00 -6.23 8.20
C ALA A 174 -8.86 -5.40 9.16
N MET A 175 -8.63 -5.57 10.47
CA MET A 175 -9.46 -4.91 11.49
C MET A 175 -9.39 -3.41 11.37
N GLY A 176 -10.48 -2.84 10.87
CA GLY A 176 -10.56 -1.43 10.56
C GLY A 176 -10.82 -0.55 11.76
N GLU A 177 -10.00 0.47 11.87
CA GLU A 177 -10.23 1.55 12.79
C GLU A 177 -11.03 2.55 11.97
N GLN A 178 -10.69 3.82 12.10
CA GLN A 178 -11.04 4.80 11.09
C GLN A 178 -9.82 4.84 10.17
N ALA A 179 -9.48 6.02 9.65
CA ALA A 179 -8.26 6.21 8.87
C ALA A 179 -8.08 5.20 7.74
N TYR A 180 -8.95 5.30 6.74
CA TYR A 180 -8.96 4.36 5.61
C TYR A 180 -7.76 4.49 4.68
N ALA A 181 -7.01 5.57 4.79
CA ALA A 181 -5.83 5.81 3.97
C ALA A 181 -4.59 5.22 4.63
N TYR A 182 -4.63 5.16 5.96
CA TYR A 182 -3.46 4.80 6.78
C TYR A 182 -2.99 3.36 6.59
N GLY A 183 -3.88 2.39 6.84
CA GLY A 183 -3.57 0.97 6.64
C GLY A 183 -2.95 0.68 5.28
N PRO A 184 -3.65 1.01 4.18
CA PRO A 184 -3.13 0.87 2.81
C PRO A 184 -1.79 1.56 2.58
N SER A 185 -1.60 2.76 3.12
CA SER A 185 -0.34 3.49 2.99
C SER A 185 0.82 2.76 3.68
N LYS A 186 0.52 2.14 4.81
CA LYS A 186 1.53 1.39 5.54
C LYS A 186 1.86 0.05 4.88
N ALA A 187 0.85 -0.57 4.27
CA ALA A 187 1.05 -1.75 3.43
C ALA A 187 1.93 -1.45 2.21
N ALA A 188 1.74 -0.28 1.59
CA ALA A 188 2.59 0.16 0.48
C ALA A 188 4.04 0.30 0.94
N LEU A 189 4.22 0.88 2.12
CA LEU A 189 5.52 0.99 2.79
C LEU A 189 6.21 -0.37 3.01
N HIS A 190 5.46 -1.35 3.48
CA HIS A 190 6.03 -2.69 3.75
C HIS A 190 6.49 -3.37 2.46
N GLN A 191 5.69 -3.26 1.39
CA GLN A 191 6.04 -3.83 0.10
C GLN A 191 7.24 -3.13 -0.52
N LEU A 192 7.24 -1.80 -0.48
CA LEU A 192 8.40 -1.01 -0.90
C LEU A 192 9.69 -1.47 -0.21
N SER A 193 9.62 -1.66 1.10
CA SER A 193 10.75 -2.10 1.93
C SER A 193 11.28 -3.46 1.48
N ARG A 194 10.36 -4.36 1.14
CA ARG A 194 10.70 -5.69 0.67
C ARG A 194 11.38 -5.66 -0.69
N MET A 195 10.85 -4.83 -1.60
CA MET A 195 11.43 -4.65 -2.93
C MET A 195 12.84 -4.05 -2.82
N LEU A 196 12.99 -3.02 -1.99
CA LEU A 196 14.30 -2.41 -1.79
C LEU A 196 15.28 -3.38 -1.12
N ALA A 197 14.79 -4.17 -0.16
CA ALA A 197 15.61 -5.22 0.45
C ALA A 197 16.22 -6.17 -0.59
N LYS A 198 15.40 -6.63 -1.53
CA LYS A 198 15.83 -7.56 -2.57
C LYS A 198 16.86 -6.94 -3.52
N GLU A 199 16.66 -5.68 -3.90
CA GLU A 199 17.57 -4.99 -4.81
C GLU A 199 18.94 -4.68 -4.19
N LEU A 200 18.95 -4.22 -2.94
CA LEU A 200 20.19 -3.73 -2.33
C LEU A 200 20.99 -4.77 -1.54
N VAL A 201 20.43 -5.97 -1.38
CA VAL A 201 21.05 -7.02 -0.56
C VAL A 201 22.52 -7.32 -0.92
N GLY A 202 22.82 -7.34 -2.22
CA GLY A 202 24.17 -7.63 -2.72
C GLY A 202 25.17 -6.51 -2.50
N GLU A 203 24.66 -5.32 -2.17
CA GLU A 203 25.48 -4.15 -1.84
C GLU A 203 25.70 -3.98 -0.33
N HIS A 204 25.26 -4.98 0.44
CA HIS A 204 25.34 -4.96 1.91
C HIS A 204 24.56 -3.81 2.56
N ILE A 205 23.33 -3.62 2.08
CA ILE A 205 22.38 -2.70 2.70
C ILE A 205 21.10 -3.47 3.02
N ASN A 206 20.88 -3.72 4.30
CA ASN A 206 19.70 -4.41 4.79
C ASN A 206 18.54 -3.44 4.97
N VAL A 207 17.32 -3.90 4.64
CA VAL A 207 16.13 -3.10 4.89
C VAL A 207 14.99 -3.91 5.51
N ASN A 208 14.53 -3.44 6.67
CA ASN A 208 13.57 -4.14 7.50
C ASN A 208 12.53 -3.18 8.05
N VAL A 209 11.36 -3.72 8.38
CA VAL A 209 10.24 -2.95 8.90
C VAL A 209 9.89 -3.36 10.34
N ILE A 210 9.70 -2.36 11.20
CA ILE A 210 9.06 -2.55 12.51
C ILE A 210 7.61 -2.12 12.36
N ALA A 211 6.67 -3.03 12.57
CA ALA A 211 5.23 -2.75 12.42
C ALA A 211 4.54 -2.65 13.76
N PRO A 212 4.46 -1.44 14.33
CA PRO A 212 3.93 -1.31 15.69
C PRO A 212 2.40 -1.38 15.77
N GLY A 213 1.91 -1.81 16.93
CA GLY A 213 0.53 -1.57 17.31
C GLY A 213 0.44 -0.24 18.04
N ARG A 214 -0.32 -0.20 19.13
CA ARG A 214 -0.50 1.04 19.90
C ARG A 214 0.73 1.42 20.73
N PHE A 215 1.22 2.64 20.49
CA PHE A 215 2.23 3.25 21.32
C PHE A 215 1.79 4.67 21.70
N PRO A 216 2.18 5.16 22.89
CA PRO A 216 1.85 6.54 23.29
C PRO A 216 2.50 7.56 22.38
N SER A 217 1.71 8.51 21.89
CA SER A 217 2.19 9.59 21.04
C SER A 217 1.20 10.75 21.06
N ARG A 218 1.51 11.78 20.28
CA ARG A 218 0.67 12.97 20.16
C ARG A 218 -0.66 12.60 19.51
N MET A 219 -0.60 11.70 18.54
CA MET A 219 -1.76 11.24 17.78
C MET A 219 -2.80 10.51 18.64
N THR A 220 -2.34 9.87 19.73
CA THR A 220 -3.21 9.04 20.57
C THR A 220 -3.49 9.60 21.96
N ARG A 221 -2.92 10.76 22.28
CA ARG A 221 -3.00 11.33 23.65
C ARG A 221 -4.42 11.54 24.18
N HIS A 222 -5.38 11.76 23.27
CA HIS A 222 -6.78 11.94 23.64
C HIS A 222 -7.42 10.66 24.20
N ILE A 223 -6.98 9.51 23.68
CA ILE A 223 -7.43 8.22 24.17
C ILE A 223 -6.80 7.97 25.55
N ALA A 224 -5.52 8.29 25.67
CA ALA A 224 -4.75 8.04 26.89
C ALA A 224 -5.21 8.84 28.12
N ASN A 225 -5.84 9.99 27.89
CA ASN A 225 -6.29 10.86 28.98
C ASN A 225 -7.75 10.58 29.42
N ASP A 226 -8.51 9.92 28.56
CA ASP A 226 -9.87 9.48 28.87
C ASP A 226 -9.84 8.03 29.34
N PRO A 227 -10.18 7.78 30.62
CA PRO A 227 -10.15 6.43 31.21
C PRO A 227 -11.01 5.41 30.45
N GLN A 228 -12.15 5.86 29.95
CA GLN A 228 -13.10 5.00 29.25
C GLN A 228 -12.63 4.63 27.85
N ALA A 229 -12.11 5.62 27.12
CA ALA A 229 -11.56 5.39 25.78
C ALA A 229 -10.33 4.48 25.83
N LEU A 230 -9.45 4.74 26.80
CA LEU A 230 -8.24 3.94 27.00
C LEU A 230 -8.57 2.47 27.31
N GLU A 231 -9.61 2.25 28.11
CA GLU A 231 -10.06 0.90 28.50
C GLU A 231 -10.50 0.12 27.28
N ALA A 232 -11.38 0.74 26.48
CA ALA A 232 -11.94 0.13 25.28
C ALA A 232 -10.86 -0.13 24.22
N ASP A 233 -9.91 0.79 24.11
CA ASP A 233 -8.78 0.62 23.17
C ASP A 233 -7.85 -0.50 23.62
N SER A 234 -7.52 -0.52 24.91
CA SER A 234 -6.70 -1.60 25.47
C SER A 234 -7.37 -2.97 25.34
N ALA A 235 -8.70 -3.00 25.43
CA ALA A 235 -9.45 -4.26 25.31
C ALA A 235 -9.41 -4.85 23.91
N SER A 236 -9.21 -4.00 22.90
CA SER A 236 -9.13 -4.47 21.52
C SER A 236 -7.79 -5.14 21.19
N ILE A 237 -6.82 -5.01 22.10
CA ILE A 237 -5.48 -5.56 21.95
C ILE A 237 -5.36 -6.84 22.78
N PRO A 238 -4.95 -7.96 22.14
CA PRO A 238 -4.83 -9.23 22.85
C PRO A 238 -4.03 -9.19 24.16
N MET A 239 -2.95 -8.41 24.20
CA MET A 239 -2.17 -8.24 25.44
C MET A 239 -2.80 -7.26 26.43
N GLY A 240 -3.86 -6.59 26.01
CA GLY A 240 -4.65 -5.73 26.90
C GLY A 240 -3.96 -4.46 27.35
N ARG A 241 -2.98 -3.99 26.57
CA ARG A 241 -2.20 -2.81 26.92
C ARG A 241 -1.52 -2.23 25.69
N TRP A 242 -1.11 -0.97 25.81
CA TRP A 242 -0.29 -0.28 24.84
C TRP A 242 1.17 -0.71 24.98
N GLY A 243 1.95 -0.49 23.92
CA GLY A 243 3.39 -0.72 23.94
C GLY A 243 4.10 0.26 24.86
N ARG A 244 5.20 -0.21 25.47
CA ARG A 244 6.03 0.64 26.33
C ARG A 244 7.20 1.19 25.53
N PRO A 245 7.63 2.44 25.84
CA PRO A 245 8.73 3.08 25.11
C PRO A 245 10.00 2.23 25.05
N GLU A 246 10.29 1.54 26.15
CA GLU A 246 11.50 0.73 26.26
C GLU A 246 11.50 -0.49 25.35
N GLU A 247 10.29 -0.94 24.98
CA GLU A 247 10.12 -2.11 24.12
C GLU A 247 10.43 -1.75 22.67
N MET A 248 10.03 -0.55 22.28
CA MET A 248 10.34 0.00 20.96
C MET A 248 11.83 0.26 20.84
N ALA A 249 12.40 0.81 21.91
CA ALA A 249 13.84 1.11 21.97
C ALA A 249 14.66 -0.18 21.82
N ALA A 250 14.30 -1.20 22.59
CA ALA A 250 15.05 -2.47 22.56
C ALA A 250 15.03 -3.11 21.17
N LEU A 251 13.86 -3.12 20.52
CA LEU A 251 13.72 -3.72 19.19
C LEU A 251 14.52 -2.95 18.13
N ALA A 252 14.44 -1.62 18.17
CA ALA A 252 15.19 -0.79 17.22
C ALA A 252 16.69 -1.02 17.34
N ILE A 253 17.19 -1.07 18.58
CA ILE A 253 18.60 -1.39 18.87
C ILE A 253 18.99 -2.76 18.30
N SER A 254 18.21 -3.78 18.65
CA SER A 254 18.46 -5.15 18.20
C SER A 254 18.60 -5.22 16.68
N LEU A 255 17.66 -4.58 16.00
CA LEU A 255 17.56 -4.56 14.55
C LEU A 255 18.74 -3.86 13.90
N ALA A 256 19.22 -2.81 14.55
CA ALA A 256 20.32 -2.01 14.05
C ALA A 256 21.66 -2.72 14.26
N GLY A 257 21.67 -3.70 15.15
CA GLY A 257 22.91 -4.40 15.52
C GLY A 257 23.05 -5.80 14.95
N THR A 258 23.62 -6.68 15.77
CA THR A 258 24.00 -8.03 15.36
C THR A 258 22.80 -8.93 15.05
N ALA A 259 21.72 -8.79 15.85
CA ALA A 259 20.46 -9.53 15.62
C ALA A 259 19.83 -9.24 14.26
N GLY A 260 20.03 -8.02 13.76
CA GLY A 260 19.50 -7.62 12.47
C GLY A 260 20.44 -7.77 11.27
N ALA A 261 21.67 -8.20 11.52
CA ALA A 261 22.70 -8.26 10.45
C ALA A 261 22.45 -9.31 9.38
N TYR A 262 21.86 -10.45 9.77
CA TYR A 262 21.50 -11.49 8.81
C TYR A 262 20.02 -11.38 8.41
N MET A 263 19.42 -10.22 8.65
CA MET A 263 18.02 -9.96 8.34
C MET A 263 17.88 -8.93 7.22
N THR A 264 17.01 -9.22 6.26
CA THR A 264 16.56 -8.21 5.31
C THR A 264 15.23 -8.62 4.69
N GLY A 265 14.36 -7.63 4.47
CA GLY A 265 13.02 -7.87 3.94
C GLY A 265 11.98 -8.26 4.97
N ASN A 266 12.36 -8.21 6.24
CA ASN A 266 11.46 -8.58 7.35
C ASN A 266 10.48 -7.46 7.71
N VAL A 267 9.26 -7.86 8.07
CA VAL A 267 8.24 -6.96 8.61
C VAL A 267 7.82 -7.54 9.95
N ILE A 268 8.26 -6.89 11.03
CA ILE A 268 8.14 -7.46 12.38
C ILE A 268 7.14 -6.70 13.24
N PRO A 269 5.96 -7.30 13.49
CA PRO A 269 5.02 -6.67 14.42
C PRO A 269 5.53 -6.53 15.87
N ILE A 270 5.20 -5.40 16.48
CA ILE A 270 5.39 -5.18 17.90
C ILE A 270 4.08 -4.53 18.38
N ASP A 271 3.10 -5.38 18.62
CA ASP A 271 1.70 -4.98 18.57
C ASP A 271 0.77 -5.63 19.61
N GLY A 272 1.34 -6.34 20.57
CA GLY A 272 0.54 -7.05 21.58
C GLY A 272 -0.30 -8.20 21.05
N GLY A 273 0.08 -8.72 19.88
CA GLY A 273 -0.64 -9.80 19.21
C GLY A 273 -1.77 -9.37 18.28
N PHE A 274 -1.85 -8.08 17.98
CA PHE A 274 -2.93 -7.52 17.15
C PHE A 274 -3.02 -8.13 15.74
N HIS A 275 -1.86 -8.46 15.16
CA HIS A 275 -1.78 -9.04 13.81
C HIS A 275 -2.51 -10.36 13.66
N LEU A 276 -2.69 -11.08 14.76
CA LEU A 276 -3.28 -12.40 14.74
C LEU A 276 -4.77 -12.34 14.44
N MET B 21 -25.64 -20.20 -20.03
CA MET B 21 -24.49 -20.78 -19.28
C MET B 21 -24.98 -21.55 -18.06
N HIS B 22 -24.26 -22.60 -17.67
CA HIS B 22 -24.54 -23.37 -16.46
C HIS B 22 -24.64 -22.46 -15.22
N PRO B 23 -25.64 -22.72 -14.34
CA PRO B 23 -25.91 -21.90 -13.15
C PRO B 23 -24.70 -21.61 -12.24
N TYR B 24 -23.70 -22.48 -12.21
CA TYR B 24 -22.48 -22.19 -11.43
C TYR B 24 -21.79 -20.92 -11.93
N PHE B 25 -21.87 -20.69 -13.23
CA PHE B 25 -21.12 -19.61 -13.85
C PHE B 25 -21.99 -18.55 -14.51
N SER B 26 -23.30 -18.78 -14.52
CA SER B 26 -24.25 -17.86 -15.14
C SER B 26 -24.40 -16.55 -14.37
N LEU B 27 -24.39 -15.44 -15.11
CA LEU B 27 -24.61 -14.12 -14.54
C LEU B 27 -25.86 -13.43 -15.13
N ALA B 28 -26.77 -14.24 -15.66
CA ALA B 28 -28.05 -13.75 -16.18
C ALA B 28 -28.82 -13.00 -15.10
N GLY B 29 -29.34 -11.82 -15.46
CA GLY B 29 -30.10 -11.00 -14.52
C GLY B 29 -29.26 -10.16 -13.57
N ARG B 30 -27.94 -10.23 -13.74
CA ARG B 30 -27.01 -9.45 -12.92
C ARG B 30 -26.58 -8.19 -13.66
N ILE B 31 -26.41 -7.11 -12.91
CA ILE B 31 -25.93 -5.84 -13.46
C ILE B 31 -24.51 -5.55 -12.96
N ALA B 32 -23.61 -5.31 -13.90
CA ALA B 32 -22.19 -5.16 -13.63
C ALA B 32 -21.65 -3.84 -14.15
N LEU B 33 -20.61 -3.33 -13.48
CA LEU B 33 -19.86 -2.17 -13.93
C LEU B 33 -18.37 -2.49 -13.84
N VAL B 34 -17.66 -2.21 -14.92
CA VAL B 34 -16.22 -2.43 -15.02
C VAL B 34 -15.58 -1.08 -15.31
N THR B 35 -14.88 -0.54 -14.32
CA THR B 35 -14.10 0.68 -14.49
C THR B 35 -12.79 0.32 -15.19
N GLY B 36 -12.26 1.22 -16.00
CA GLY B 36 -11.12 0.91 -16.89
C GLY B 36 -11.46 -0.23 -17.85
N GLY B 37 -12.73 -0.28 -18.28
CA GLY B 37 -13.22 -1.40 -19.11
C GLY B 37 -13.08 -1.26 -20.62
N SER B 38 -12.34 -0.25 -21.07
CA SER B 38 -12.27 0.06 -22.50
C SER B 38 -11.15 -0.66 -23.24
N ARG B 39 -10.19 -1.24 -22.51
CA ARG B 39 -9.06 -1.93 -23.13
C ARG B 39 -8.38 -2.86 -22.13
N GLY B 40 -7.52 -3.72 -22.66
CA GLY B 40 -6.71 -4.60 -21.84
C GLY B 40 -7.53 -5.49 -20.92
N ILE B 41 -7.08 -5.60 -19.68
CA ILE B 41 -7.67 -6.51 -18.69
C ILE B 41 -9.15 -6.21 -18.40
N GLY B 42 -9.48 -4.92 -18.23
CA GLY B 42 -10.87 -4.51 -18.01
C GLY B 42 -11.83 -4.94 -19.11
N GLN B 43 -11.38 -4.79 -20.35
CA GLN B 43 -12.14 -5.22 -21.52
C GLN B 43 -12.26 -6.75 -21.60
N MET B 44 -11.20 -7.46 -21.21
CA MET B 44 -11.22 -8.93 -21.14
C MET B 44 -12.28 -9.40 -20.17
N ILE B 45 -12.38 -8.69 -19.05
CA ILE B 45 -13.33 -9.00 -17.99
C ILE B 45 -14.76 -8.66 -18.44
N ALA B 46 -14.93 -7.49 -19.06
CA ALA B 46 -16.25 -7.05 -19.50
C ALA B 46 -16.85 -8.03 -20.51
N GLN B 47 -16.03 -8.47 -21.47
CA GLN B 47 -16.48 -9.46 -22.47
C GLN B 47 -16.90 -10.77 -21.80
N GLY B 48 -16.10 -11.26 -20.85
CA GLY B 48 -16.44 -12.46 -20.08
C GLY B 48 -17.79 -12.35 -19.37
N LEU B 49 -17.98 -11.27 -18.62
CA LEU B 49 -19.23 -11.05 -17.87
C LEU B 49 -20.46 -10.99 -18.78
N LEU B 50 -20.30 -10.35 -19.94
CA LEU B 50 -21.32 -10.35 -20.98
C LEU B 50 -21.60 -11.78 -21.48
N GLU B 51 -20.54 -12.50 -21.83
CA GLU B 51 -20.66 -13.91 -22.24
C GLU B 51 -21.31 -14.80 -21.16
N ALA B 52 -21.17 -14.42 -19.90
CA ALA B 52 -21.81 -15.12 -18.79
C ALA B 52 -23.28 -14.73 -18.63
N GLY B 53 -23.69 -13.64 -19.27
CA GLY B 53 -25.11 -13.24 -19.27
C GLY B 53 -25.42 -11.91 -18.60
N ALA B 54 -24.42 -11.30 -17.96
CA ALA B 54 -24.63 -10.04 -17.23
C ALA B 54 -24.86 -8.86 -18.17
N ARG B 55 -25.61 -7.88 -17.69
CA ARG B 55 -25.64 -6.57 -18.33
C ARG B 55 -24.43 -5.82 -17.79
N VAL B 56 -23.60 -5.30 -18.71
CA VAL B 56 -22.33 -4.71 -18.31
C VAL B 56 -22.18 -3.25 -18.75
N PHE B 57 -22.15 -2.36 -17.76
CA PHE B 57 -21.73 -0.99 -17.98
C PHE B 57 -20.21 -0.89 -17.89
N ILE B 58 -19.62 -0.06 -18.73
CA ILE B 58 -18.18 0.21 -18.68
C ILE B 58 -17.85 1.69 -18.67
N CYS B 59 -16.73 2.04 -18.04
CA CYS B 59 -16.25 3.42 -18.09
C CYS B 59 -14.74 3.49 -18.16
N ALA B 60 -14.25 4.56 -18.76
CA ALA B 60 -12.83 4.85 -18.86
C ALA B 60 -12.62 6.36 -18.98
N ARG B 61 -11.37 6.79 -18.89
CA ARG B 61 -11.01 8.20 -19.02
C ARG B 61 -11.48 8.78 -20.36
N ASP B 62 -11.25 8.03 -21.44
CA ASP B 62 -11.61 8.45 -22.79
C ASP B 62 -13.02 7.98 -23.12
N ALA B 63 -13.97 8.91 -23.13
CA ALA B 63 -15.40 8.59 -23.35
C ALA B 63 -15.70 8.03 -24.73
N GLU B 64 -15.05 8.58 -25.76
CA GLU B 64 -15.25 8.10 -27.14
C GLU B 64 -14.74 6.67 -27.35
N ALA B 65 -13.51 6.41 -26.92
CA ALA B 65 -12.91 5.07 -26.99
C ALA B 65 -13.70 4.05 -26.19
N CYS B 66 -14.23 4.49 -25.05
CA CYS B 66 -15.05 3.66 -24.16
C CYS B 66 -16.40 3.31 -24.78
N ALA B 67 -17.03 4.28 -25.43
CA ALA B 67 -18.28 4.05 -26.16
C ALA B 67 -18.07 3.15 -27.39
N ASP B 68 -16.90 3.27 -28.03
CA ASP B 68 -16.53 2.38 -29.14
C ASP B 68 -16.34 0.93 -28.65
N THR B 69 -15.67 0.78 -27.51
CA THR B 69 -15.52 -0.53 -26.86
C THR B 69 -16.89 -1.15 -26.55
N ALA B 70 -17.75 -0.38 -25.88
CA ALA B 70 -19.10 -0.82 -25.53
C ALA B 70 -19.91 -1.30 -26.74
N THR B 71 -19.84 -0.53 -27.83
CA THR B 71 -20.44 -0.89 -29.12
C THR B 71 -19.90 -2.24 -29.62
N ARG B 72 -18.58 -2.39 -29.64
CA ARG B 72 -17.95 -3.64 -30.09
C ARG B 72 -18.32 -4.83 -29.21
N LEU B 73 -18.38 -4.60 -27.90
CA LEU B 73 -18.76 -5.63 -26.91
C LEU B 73 -20.25 -5.97 -26.94
N SER B 74 -21.05 -5.12 -27.60
CA SER B 74 -22.48 -5.39 -27.82
C SER B 74 -22.74 -6.60 -28.71
N ALA B 75 -21.70 -7.13 -29.37
CA ALA B 75 -21.80 -8.40 -30.09
C ALA B 75 -21.82 -9.60 -29.12
N TYR B 76 -21.58 -9.33 -27.84
CA TYR B 76 -21.52 -10.39 -26.81
C TYR B 76 -22.62 -10.29 -25.76
N GLY B 77 -23.26 -9.12 -25.68
CA GLY B 77 -24.35 -8.88 -24.73
C GLY B 77 -24.71 -7.41 -24.60
N ASP B 78 -25.50 -7.09 -23.57
CA ASP B 78 -25.94 -5.71 -23.32
C ASP B 78 -24.85 -4.89 -22.62
N CYS B 79 -24.11 -4.10 -23.40
CA CYS B 79 -23.01 -3.32 -22.87
C CYS B 79 -23.21 -1.84 -23.14
N GLN B 80 -23.01 -1.01 -22.13
CA GLN B 80 -23.13 0.45 -22.26
C GLN B 80 -21.98 1.18 -21.62
N ALA B 81 -21.51 2.23 -22.29
CA ALA B 81 -20.47 3.09 -21.76
C ALA B 81 -21.09 4.23 -20.97
N ILE B 82 -20.43 4.58 -19.87
CA ILE B 82 -20.83 5.71 -19.02
C ILE B 82 -19.62 6.64 -18.90
N PRO B 83 -19.83 7.96 -19.10
CA PRO B 83 -18.70 8.91 -18.93
C PRO B 83 -18.23 9.01 -17.48
N ALA B 84 -16.93 8.89 -17.27
CA ALA B 84 -16.36 8.96 -15.92
C ALA B 84 -14.90 9.36 -15.92
N ASP B 85 -14.56 10.26 -15.01
CA ASP B 85 -13.18 10.60 -14.71
C ASP B 85 -12.92 10.29 -13.23
N LEU B 86 -12.42 9.09 -12.98
CA LEU B 86 -12.26 8.58 -11.61
C LEU B 86 -11.09 9.18 -10.84
N SER B 87 -10.21 9.88 -11.55
CA SER B 87 -9.11 10.61 -10.91
C SER B 87 -9.56 11.90 -10.20
N SER B 88 -10.69 11.83 -9.50
CA SER B 88 -11.20 12.90 -8.63
C SER B 88 -12.38 12.43 -7.80
N GLU B 89 -12.62 13.11 -6.66
CA GLU B 89 -13.76 12.81 -5.79
C GLU B 89 -15.09 13.24 -6.43
N ALA B 90 -15.03 14.26 -7.29
CA ALA B 90 -16.18 14.66 -8.10
C ALA B 90 -16.48 13.60 -9.16
N GLY B 91 -15.43 13.01 -9.72
CA GLY B 91 -15.57 11.98 -10.74
C GLY B 91 -16.26 10.73 -10.25
N ALA B 92 -15.99 10.35 -9.01
CA ALA B 92 -16.64 9.18 -8.41
C ALA B 92 -18.14 9.40 -8.13
N ARG B 93 -18.50 10.60 -7.67
CA ARG B 93 -19.91 10.93 -7.47
C ARG B 93 -20.67 11.04 -8.80
N ARG B 94 -20.01 11.59 -9.82
CA ARG B 94 -20.60 11.69 -11.16
C ARG B 94 -20.92 10.32 -11.78
N LEU B 95 -19.99 9.38 -11.66
CA LEU B 95 -20.23 8.01 -12.13
C LEU B 95 -21.43 7.39 -11.41
N ALA B 96 -21.45 7.52 -10.08
CA ALA B 96 -22.55 7.01 -9.28
C ALA B 96 -23.88 7.64 -9.68
N GLN B 97 -23.87 8.95 -9.94
CA GLN B 97 -25.05 9.67 -10.42
C GLN B 97 -25.51 9.17 -11.79
N ALA B 98 -24.57 9.09 -12.73
CA ALA B 98 -24.85 8.63 -14.09
C ALA B 98 -25.36 7.18 -14.15
N LEU B 99 -24.79 6.32 -13.31
CA LEU B 99 -25.23 4.92 -13.24
C LEU B 99 -26.64 4.85 -12.69
N GLY B 100 -26.90 5.65 -11.65
CA GLY B 100 -28.19 5.68 -10.98
C GLY B 100 -29.37 6.13 -11.83
N GLU B 101 -29.08 6.83 -12.94
CA GLU B 101 -30.11 7.21 -13.90
C GLU B 101 -30.44 6.03 -14.84
N LEU B 102 -29.53 5.05 -14.89
CA LEU B 102 -29.60 3.94 -15.82
C LEU B 102 -30.04 2.64 -15.16
N SER B 103 -29.95 2.59 -13.82
CA SER B 103 -30.16 1.36 -13.07
C SER B 103 -30.52 1.69 -11.63
N ALA B 104 -31.35 0.86 -11.02
CA ALA B 104 -31.72 1.01 -9.60
C ALA B 104 -30.72 0.32 -8.66
N ARG B 105 -29.86 -0.53 -9.21
CA ARG B 105 -28.94 -1.31 -8.39
C ARG B 105 -27.66 -1.71 -9.14
N LEU B 106 -26.67 -2.14 -8.38
CA LEU B 106 -25.41 -2.63 -8.93
C LEU B 106 -25.02 -3.90 -8.21
N ASP B 107 -24.91 -4.99 -8.98
CA ASP B 107 -24.59 -6.31 -8.43
C ASP B 107 -23.09 -6.59 -8.40
N ILE B 108 -22.39 -6.18 -9.46
CA ILE B 108 -20.98 -6.47 -9.64
C ILE B 108 -20.21 -5.20 -9.99
N LEU B 109 -19.26 -4.85 -9.14
CA LEU B 109 -18.32 -3.77 -9.41
C LEU B 109 -16.92 -4.34 -9.62
N VAL B 110 -16.36 -4.07 -10.79
CA VAL B 110 -14.98 -4.44 -11.09
C VAL B 110 -14.14 -3.18 -11.24
N ASN B 111 -13.18 -3.03 -10.33
CA ASN B 111 -12.28 -1.88 -10.34
C ASN B 111 -10.94 -2.21 -10.97
N ASN B 112 -10.78 -1.78 -12.22
CA ASN B 112 -9.56 -2.04 -12.99
C ASN B 112 -8.77 -0.78 -13.31
N ALA B 113 -9.45 0.35 -13.41
CA ALA B 113 -8.81 1.64 -13.61
C ALA B 113 -7.53 1.80 -12.77
N GLY B 114 -6.38 1.69 -13.44
CA GLY B 114 -5.09 1.83 -12.79
C GLY B 114 -4.02 2.43 -13.69
N THR B 115 -2.87 2.76 -13.09
CA THR B 115 -1.69 3.23 -13.83
C THR B 115 -0.39 2.65 -13.27
N SER B 116 0.71 2.90 -13.99
CA SER B 116 2.03 2.40 -13.62
C SER B 116 3.05 3.54 -13.55
N PRO B 125 12.00 9.64 -11.29
CA PRO B 125 11.20 10.78 -10.85
C PRO B 125 10.10 10.37 -9.88
N VAL B 126 10.18 10.85 -8.65
CA VAL B 126 9.14 10.59 -7.64
C VAL B 126 7.92 11.48 -7.85
N SER B 127 8.04 12.41 -8.81
CA SER B 127 6.96 13.33 -9.18
C SER B 127 5.73 12.59 -9.70
N GLY B 128 5.95 11.38 -10.22
CA GLY B 128 4.88 10.54 -10.74
C GLY B 128 4.18 9.66 -9.71
N TRP B 129 4.72 9.62 -8.48
CA TRP B 129 4.19 8.76 -7.42
C TRP B 129 2.79 9.15 -6.96
N GLU B 130 2.57 10.46 -6.79
CA GLU B 130 1.29 11.03 -6.40
C GLU B 130 0.16 10.54 -7.31
N LYS B 131 0.42 10.52 -8.62
CA LYS B 131 -0.56 10.08 -9.61
C LYS B 131 -0.79 8.56 -9.57
N VAL B 132 0.29 7.79 -9.40
CA VAL B 132 0.21 6.32 -9.27
C VAL B 132 -0.65 5.92 -8.06
N MET B 133 -0.39 6.55 -6.92
CA MET B 133 -1.16 6.29 -5.69
C MET B 133 -2.62 6.71 -5.80
N GLN B 134 -2.86 7.82 -6.52
CA GLN B 134 -4.21 8.36 -6.74
C GLN B 134 -5.12 7.38 -7.48
N LEU B 135 -4.68 6.93 -8.65
CA LEU B 135 -5.47 6.05 -9.51
C LEU B 135 -5.60 4.62 -8.98
N ASN B 136 -4.51 4.11 -8.42
CA ASN B 136 -4.47 2.71 -7.99
C ASN B 136 -5.13 2.44 -6.65
N VAL B 137 -5.17 3.45 -5.78
CA VAL B 137 -5.71 3.26 -4.43
C VAL B 137 -6.88 4.18 -4.12
N THR B 138 -6.60 5.48 -4.04
CA THR B 138 -7.56 6.49 -3.60
C THR B 138 -8.82 6.53 -4.48
N SER B 139 -8.62 6.47 -5.79
CA SER B 139 -9.73 6.51 -6.75
C SER B 139 -10.60 5.26 -6.65
N VAL B 140 -10.01 4.13 -6.30
CA VAL B 140 -10.77 2.89 -6.11
C VAL B 140 -11.65 3.01 -4.84
N PHE B 141 -11.07 3.54 -3.77
CA PHE B 141 -11.85 3.86 -2.56
C PHE B 141 -13.05 4.78 -2.88
N SER B 142 -12.78 5.93 -3.50
CA SER B 142 -13.81 6.91 -3.85
C SER B 142 -14.91 6.29 -4.71
N CYS B 143 -14.49 5.52 -5.72
CA CYS B 143 -15.43 4.81 -6.58
C CYS B 143 -16.34 3.86 -5.78
N ILE B 144 -15.75 3.06 -4.89
CA ILE B 144 -16.53 2.14 -4.04
C ILE B 144 -17.46 2.90 -3.08
N GLN B 145 -16.90 3.90 -2.39
CA GLN B 145 -17.65 4.76 -1.45
C GLN B 145 -18.93 5.36 -2.06
N GLN B 146 -18.83 5.92 -3.27
CA GLN B 146 -19.97 6.58 -3.93
C GLN B 146 -21.00 5.58 -4.47
N LEU B 147 -20.55 4.35 -4.73
CA LEU B 147 -21.43 3.31 -5.27
C LEU B 147 -22.11 2.45 -4.19
N LEU B 148 -21.71 2.65 -2.94
CA LEU B 148 -22.29 1.91 -1.82
C LEU B 148 -23.83 1.90 -1.76
N PRO B 149 -24.50 3.05 -1.96
CA PRO B 149 -25.98 3.03 -2.01
C PRO B 149 -26.59 1.97 -2.95
N LEU B 150 -26.25 1.99 -4.24
CA LEU B 150 -26.81 0.99 -5.18
C LEU B 150 -26.26 -0.43 -5.01
N LEU B 151 -25.03 -0.55 -4.50
CA LEU B 151 -24.51 -1.85 -4.06
C LEU B 151 -25.37 -2.42 -2.93
N ARG B 152 -25.74 -1.56 -1.96
CA ARG B 152 -26.66 -1.92 -0.87
C ARG B 152 -28.09 -2.18 -1.36
N ARG B 153 -28.49 -1.53 -2.45
CA ARG B 153 -29.80 -1.79 -3.09
C ARG B 153 -29.86 -3.21 -3.63
N SER B 154 -28.68 -3.75 -3.98
CA SER B 154 -28.57 -5.10 -4.55
C SER B 154 -28.31 -6.19 -3.51
N ALA B 155 -27.41 -5.88 -2.57
CA ALA B 155 -26.86 -6.85 -1.61
C ALA B 155 -27.91 -7.62 -0.82
N SER B 156 -27.79 -8.94 -0.81
CA SER B 156 -28.65 -9.78 0.01
C SER B 156 -27.91 -11.02 0.53
N ALA B 157 -28.55 -11.70 1.47
CA ALA B 157 -28.07 -12.97 2.01
C ALA B 157 -28.00 -14.05 0.92
N GLU B 158 -29.01 -14.09 0.06
CA GLU B 158 -29.08 -15.07 -1.03
C GLU B 158 -27.98 -14.90 -2.08
N ASN B 159 -27.66 -13.64 -2.39
CA ASN B 159 -26.67 -13.33 -3.41
C ASN B 159 -26.03 -11.98 -3.08
N PRO B 160 -24.84 -12.01 -2.45
CA PRO B 160 -24.13 -10.78 -2.08
C PRO B 160 -23.77 -9.93 -3.29
N ALA B 161 -23.64 -8.62 -3.07
CA ALA B 161 -23.08 -7.73 -4.08
C ALA B 161 -21.58 -7.99 -4.12
N ARG B 162 -20.97 -7.85 -5.31
CA ARG B 162 -19.57 -8.22 -5.47
C ARG B 162 -18.72 -7.04 -5.88
N VAL B 163 -17.63 -6.84 -5.15
CA VAL B 163 -16.61 -5.88 -5.55
C VAL B 163 -15.34 -6.66 -5.86
N ILE B 164 -14.87 -6.53 -7.10
CA ILE B 164 -13.66 -7.23 -7.53
C ILE B 164 -12.61 -6.19 -7.91
N ASN B 165 -11.53 -6.13 -7.13
CA ASN B 165 -10.46 -5.17 -7.42
C ASN B 165 -9.31 -5.84 -8.14
N ILE B 166 -8.86 -5.24 -9.23
CA ILE B 166 -7.71 -5.77 -9.97
C ILE B 166 -6.40 -5.22 -9.40
N GLY B 167 -5.61 -6.11 -8.80
CA GLY B 167 -4.39 -5.73 -8.11
C GLY B 167 -3.21 -6.05 -9.00
N SER B 168 -2.18 -6.64 -8.41
CA SER B 168 -1.02 -7.11 -9.16
C SER B 168 -0.06 -7.94 -8.30
N VAL B 169 0.56 -8.95 -8.91
CA VAL B 169 1.65 -9.71 -8.26
C VAL B 169 2.87 -8.82 -7.94
N ALA B 170 2.92 -7.64 -8.55
CA ALA B 170 3.92 -6.63 -8.20
C ALA B 170 3.75 -6.08 -6.77
N GLY B 171 2.52 -6.19 -6.24
CA GLY B 171 2.21 -5.80 -4.87
C GLY B 171 2.52 -6.87 -3.83
N ILE B 172 2.98 -8.03 -4.30
CA ILE B 172 3.33 -9.14 -3.39
C ILE B 172 4.75 -9.67 -3.55
N SER B 173 5.19 -9.88 -4.78
CA SER B 173 6.56 -10.32 -5.05
C SER B 173 7.59 -9.23 -4.78
N ALA B 174 8.68 -9.62 -4.13
CA ALA B 174 9.81 -8.72 -3.88
C ALA B 174 10.61 -8.50 -5.15
N MET B 175 10.47 -9.44 -6.09
CA MET B 175 11.15 -9.37 -7.38
C MET B 175 10.54 -8.29 -8.25
N GLY B 176 10.65 -7.05 -7.77
CA GLY B 176 10.36 -5.90 -8.58
C GLY B 176 11.54 -5.73 -9.51
N GLU B 177 11.44 -4.76 -10.39
CA GLU B 177 12.51 -4.40 -11.28
C GLU B 177 12.73 -2.93 -11.00
N GLN B 178 12.21 -2.11 -11.92
CA GLN B 178 12.09 -0.67 -11.74
C GLN B 178 10.60 -0.43 -11.48
N ALA B 179 10.14 0.81 -11.59
CA ALA B 179 8.78 1.18 -11.21
C ALA B 179 8.53 0.85 -9.73
N TYR B 180 9.16 1.64 -8.86
CA TYR B 180 9.05 1.47 -7.42
C TYR B 180 7.78 2.07 -6.81
N ALA B 181 6.99 2.77 -7.64
CA ALA B 181 5.71 3.32 -7.19
C ALA B 181 4.57 2.32 -7.39
N TYR B 182 4.70 1.48 -8.43
CA TYR B 182 3.64 0.58 -8.87
C TYR B 182 3.34 -0.53 -7.87
N GLY B 183 4.34 -1.38 -7.61
CA GLY B 183 4.23 -2.47 -6.64
C GLY B 183 3.59 -2.06 -5.31
N PRO B 184 4.17 -1.07 -4.62
CA PRO B 184 3.60 -0.52 -3.37
C PRO B 184 2.14 -0.02 -3.49
N SER B 185 1.78 0.58 -4.61
CA SER B 185 0.40 1.06 -4.80
C SER B 185 -0.60 -0.12 -4.86
N LYS B 186 -0.18 -1.22 -5.49
CA LYS B 186 -1.02 -2.41 -5.58
C LYS B 186 -1.14 -3.10 -4.22
N ALA B 187 -0.06 -3.09 -3.44
CA ALA B 187 -0.09 -3.59 -2.06
C ALA B 187 -1.05 -2.75 -1.21
N ALA B 188 -1.00 -1.43 -1.35
CA ALA B 188 -1.98 -0.56 -0.70
C ALA B 188 -3.42 -0.97 -1.09
N LEU B 189 -3.65 -1.15 -2.39
CA LEU B 189 -4.95 -1.63 -2.91
C LEU B 189 -5.37 -3.00 -2.37
N HIS B 190 -4.44 -3.94 -2.29
CA HIS B 190 -4.76 -5.26 -1.71
C HIS B 190 -5.21 -5.11 -0.26
N GLN B 191 -4.47 -4.30 0.50
CA GLN B 191 -4.78 -4.07 1.91
C GLN B 191 -6.08 -3.29 2.12
N LEU B 192 -6.26 -2.20 1.37
CA LEU B 192 -7.57 -1.52 1.29
C LEU B 192 -8.72 -2.51 1.02
N SER B 193 -8.52 -3.43 0.08
CA SER B 193 -9.56 -4.41 -0.26
C SER B 193 -9.90 -5.33 0.90
N ARG B 194 -8.87 -5.74 1.64
CA ARG B 194 -9.03 -6.60 2.82
C ARG B 194 -9.82 -5.90 3.93
N MET B 195 -9.51 -4.63 4.15
CA MET B 195 -10.17 -3.82 5.18
C MET B 195 -11.65 -3.62 4.86
N LEU B 196 -11.93 -3.23 3.61
CA LEU B 196 -13.29 -3.06 3.10
C LEU B 196 -14.10 -4.34 3.24
N ALA B 197 -13.52 -5.46 2.79
CA ALA B 197 -14.11 -6.79 2.95
C ALA B 197 -14.62 -7.07 4.38
N LYS B 198 -13.74 -6.87 5.35
CA LYS B 198 -14.03 -7.03 6.78
C LYS B 198 -15.17 -6.12 7.25
N GLU B 199 -15.14 -4.85 6.83
CA GLU B 199 -16.17 -3.90 7.22
C GLU B 199 -17.53 -4.19 6.60
N LEU B 200 -17.51 -4.62 5.33
CA LEU B 200 -18.75 -4.71 4.56
C LEU B 200 -19.43 -6.08 4.59
N VAL B 201 -18.72 -7.08 5.13
CA VAL B 201 -19.14 -8.49 5.06
C VAL B 201 -20.53 -8.78 5.61
N GLY B 202 -20.90 -8.11 6.70
CA GLY B 202 -22.23 -8.27 7.31
C GLY B 202 -23.36 -7.63 6.52
N GLU B 203 -23.01 -6.67 5.65
CA GLU B 203 -23.95 -6.00 4.73
C GLU B 203 -24.15 -6.79 3.44
N HIS B 204 -23.51 -7.95 3.34
CA HIS B 204 -23.61 -8.81 2.16
C HIS B 204 -22.97 -8.18 0.91
N ILE B 205 -21.86 -7.47 1.11
CA ILE B 205 -21.02 -6.98 0.03
C ILE B 205 -19.64 -7.64 0.16
N ASN B 206 -19.32 -8.51 -0.80
CA ASN B 206 -18.02 -9.18 -0.83
C ASN B 206 -16.95 -8.40 -1.61
N VAL B 207 -15.74 -8.33 -1.05
CA VAL B 207 -14.63 -7.62 -1.70
C VAL B 207 -13.44 -8.56 -1.90
N ASN B 208 -13.03 -8.73 -3.16
CA ASN B 208 -11.91 -9.61 -3.50
C ASN B 208 -10.95 -8.99 -4.52
N VAL B 209 -9.72 -9.50 -4.54
CA VAL B 209 -8.68 -9.04 -5.45
C VAL B 209 -8.24 -10.13 -6.42
N ILE B 210 -8.24 -9.80 -7.72
CA ILE B 210 -7.51 -10.57 -8.71
C ILE B 210 -6.13 -9.94 -8.86
N ALA B 211 -5.07 -10.71 -8.68
CA ALA B 211 -3.69 -10.19 -8.75
C ALA B 211 -2.92 -10.73 -9.96
N PRO B 212 -3.10 -10.08 -11.14
CA PRO B 212 -2.50 -10.61 -12.35
C PRO B 212 -0.98 -10.52 -12.41
N GLY B 213 -0.37 -11.48 -13.10
CA GLY B 213 1.00 -11.34 -13.58
C GLY B 213 0.97 -10.61 -14.91
N ARG B 214 1.79 -11.06 -15.87
CA ARG B 214 1.82 -10.42 -17.18
C ARG B 214 0.72 -10.89 -18.13
N PHE B 215 -0.02 -9.91 -18.65
CA PHE B 215 -1.09 -10.12 -19.61
C PHE B 215 -0.92 -9.15 -20.78
N PRO B 216 -1.51 -9.47 -21.96
CA PRO B 216 -1.35 -8.59 -23.11
C PRO B 216 -2.01 -7.21 -22.87
N SER B 217 -1.24 -6.16 -23.09
CA SER B 217 -1.74 -4.79 -23.00
C SER B 217 -0.95 -3.88 -23.95
N ARG B 218 -1.63 -2.88 -24.51
CA ARG B 218 -1.04 -1.97 -25.51
C ARG B 218 0.26 -1.31 -25.03
N MET B 219 0.44 -1.25 -23.71
CA MET B 219 1.67 -0.75 -23.07
C MET B 219 2.87 -1.63 -23.39
N THR B 220 2.63 -2.95 -23.48
CA THR B 220 3.68 -3.93 -23.78
C THR B 220 3.47 -4.60 -25.15
N ARG B 221 2.83 -3.86 -26.05
CA ARG B 221 2.50 -4.34 -27.40
C ARG B 221 3.74 -4.70 -28.23
N HIS B 222 4.80 -3.90 -28.08
CA HIS B 222 6.08 -4.12 -28.77
C HIS B 222 6.71 -5.47 -28.44
N ILE B 223 6.64 -5.87 -27.16
CA ILE B 223 7.13 -7.17 -26.70
C ILE B 223 6.28 -8.31 -27.28
N ALA B 224 4.97 -8.13 -27.30
CA ALA B 224 4.03 -9.15 -27.76
C ALA B 224 4.17 -9.47 -29.25
N ASN B 225 4.54 -8.47 -30.04
CA ASN B 225 4.66 -8.61 -31.49
C ASN B 225 5.94 -9.32 -31.93
N ASP B 226 7.03 -9.09 -31.20
CA ASP B 226 8.35 -9.67 -31.50
C ASP B 226 8.61 -10.97 -30.71
N PRO B 227 8.65 -12.12 -31.40
CA PRO B 227 8.87 -13.45 -30.81
C PRO B 227 10.13 -13.58 -29.96
N GLN B 228 11.21 -12.90 -30.34
CA GLN B 228 12.45 -12.94 -29.56
C GLN B 228 12.33 -12.21 -28.22
N ALA B 229 11.80 -10.99 -28.26
CA ALA B 229 11.58 -10.19 -27.05
C ALA B 229 10.49 -10.80 -26.15
N LEU B 230 9.53 -11.48 -26.79
CA LEU B 230 8.44 -12.15 -26.10
C LEU B 230 8.96 -13.30 -25.22
N GLU B 231 9.74 -14.21 -25.82
CA GLU B 231 10.30 -15.34 -25.09
C GLU B 231 11.37 -14.91 -24.09
N ALA B 232 12.10 -13.86 -24.43
CA ALA B 232 13.10 -13.28 -23.52
C ALA B 232 12.45 -12.77 -22.23
N ASP B 233 11.32 -12.07 -22.36
CA ASP B 233 10.58 -11.54 -21.21
C ASP B 233 9.87 -12.66 -20.43
N SER B 234 9.43 -13.70 -21.14
CA SER B 234 8.77 -14.84 -20.52
C SER B 234 9.70 -15.75 -19.71
N ALA B 235 11.01 -15.52 -19.80
CA ALA B 235 12.00 -16.29 -19.03
C ALA B 235 11.93 -16.00 -17.52
N SER B 236 11.41 -14.84 -17.16
CA SER B 236 11.18 -14.48 -15.75
C SER B 236 9.92 -15.15 -15.17
N ILE B 237 9.08 -15.71 -16.04
CA ILE B 237 7.85 -16.35 -15.61
C ILE B 237 8.05 -17.87 -15.61
N PRO B 238 7.86 -18.52 -14.45
CA PRO B 238 8.07 -19.96 -14.32
C PRO B 238 7.33 -20.81 -15.37
N MET B 239 6.11 -20.40 -15.74
CA MET B 239 5.38 -21.05 -16.84
C MET B 239 5.88 -20.69 -18.23
N GLY B 240 6.77 -19.71 -18.29
CA GLY B 240 7.43 -19.33 -19.55
C GLY B 240 6.50 -18.77 -20.61
N ARG B 241 5.38 -18.21 -20.18
CA ARG B 241 4.47 -17.50 -21.09
C ARG B 241 3.72 -16.40 -20.35
N TRP B 242 3.10 -15.52 -21.14
CA TRP B 242 2.16 -14.52 -20.64
C TRP B 242 0.80 -15.15 -20.44
N GLY B 243 -0.03 -14.50 -19.62
CA GLY B 243 -1.42 -14.93 -19.44
C GLY B 243 -2.27 -14.69 -20.68
N ARG B 244 -3.28 -15.53 -20.85
CA ARG B 244 -4.21 -15.45 -21.98
C ARG B 244 -5.47 -14.71 -21.56
N PRO B 245 -6.10 -13.96 -22.51
CA PRO B 245 -7.31 -13.18 -22.19
C PRO B 245 -8.47 -14.02 -21.68
N GLU B 246 -8.59 -15.26 -22.16
CA GLU B 246 -9.65 -16.15 -21.70
C GLU B 246 -9.42 -16.62 -20.26
N GLU B 247 -8.18 -16.58 -19.81
CA GLU B 247 -7.85 -16.93 -18.42
C GLU B 247 -8.36 -15.87 -17.44
N MET B 248 -8.15 -14.60 -17.80
CA MET B 248 -8.70 -13.47 -17.04
C MET B 248 -10.23 -13.47 -17.04
N ALA B 249 -10.83 -13.65 -18.21
CA ALA B 249 -12.28 -13.71 -18.35
C ALA B 249 -12.87 -14.80 -17.45
N ALA B 250 -12.30 -16.00 -17.55
CA ALA B 250 -12.75 -17.17 -16.79
C ALA B 250 -12.72 -16.93 -15.29
N LEU B 251 -11.63 -16.36 -14.79
CA LEU B 251 -11.47 -16.12 -13.37
C LEU B 251 -12.43 -15.02 -12.87
N ALA B 252 -12.53 -13.93 -13.61
CA ALA B 252 -13.44 -12.85 -13.24
C ALA B 252 -14.90 -13.35 -13.18
N ILE B 253 -15.31 -14.12 -14.19
CA ILE B 253 -16.66 -14.71 -14.23
C ILE B 253 -16.94 -15.54 -12.99
N SER B 254 -16.04 -16.45 -12.63
CA SER B 254 -16.29 -17.32 -11.48
C SER B 254 -16.29 -16.55 -10.17
N LEU B 255 -15.39 -15.59 -10.04
CA LEU B 255 -15.36 -14.76 -8.83
C LEU B 255 -16.66 -13.95 -8.66
N ALA B 256 -17.23 -13.47 -9.77
CA ALA B 256 -18.48 -12.71 -9.73
C ALA B 256 -19.70 -13.61 -9.47
N GLY B 257 -19.53 -14.92 -9.58
CA GLY B 257 -20.63 -15.86 -9.42
C GLY B 257 -20.55 -16.78 -8.21
N THR B 258 -21.02 -18.00 -8.41
CA THR B 258 -21.16 -19.00 -7.35
C THR B 258 -19.83 -19.36 -6.65
N ALA B 259 -18.77 -19.51 -7.44
CA ALA B 259 -17.43 -19.79 -6.90
C ALA B 259 -16.92 -18.70 -5.95
N GLY B 260 -17.38 -17.46 -6.17
CA GLY B 260 -16.94 -16.32 -5.37
C GLY B 260 -17.91 -15.84 -4.30
N ALA B 261 -19.08 -16.47 -4.20
CA ALA B 261 -20.10 -16.04 -3.27
C ALA B 261 -19.67 -16.19 -1.80
N TYR B 262 -18.86 -17.22 -1.52
CA TYR B 262 -18.40 -17.49 -0.16
C TYR B 262 -16.99 -17.00 0.11
N MET B 263 -16.45 -16.16 -0.76
CA MET B 263 -15.15 -15.55 -0.48
C MET B 263 -15.20 -14.03 -0.32
N THR B 264 -14.46 -13.54 0.66
CA THR B 264 -14.24 -12.11 0.82
C THR B 264 -12.84 -11.89 1.39
N GLY B 265 -12.18 -10.82 0.94
CA GLY B 265 -10.83 -10.48 1.38
C GLY B 265 -9.70 -11.29 0.77
N ASN B 266 -10.02 -12.08 -0.25
CA ASN B 266 -9.02 -12.86 -0.99
C ASN B 266 -8.20 -12.01 -1.93
N VAL B 267 -6.93 -12.40 -2.08
CA VAL B 267 -6.03 -11.82 -3.07
C VAL B 267 -5.50 -13.00 -3.87
N ILE B 268 -5.97 -13.14 -5.11
CA ILE B 268 -5.70 -14.34 -5.91
C ILE B 268 -4.77 -14.05 -7.10
N PRO B 269 -3.53 -14.58 -7.06
CA PRO B 269 -2.60 -14.43 -8.18
C PRO B 269 -3.05 -15.21 -9.41
N ILE B 270 -2.92 -14.60 -10.57
CA ILE B 270 -3.05 -15.31 -11.85
C ILE B 270 -1.83 -14.86 -12.68
N ASP B 271 -0.72 -15.56 -12.46
CA ASP B 271 0.61 -14.98 -12.69
C ASP B 271 1.73 -15.91 -13.20
N GLY B 272 1.40 -17.15 -13.52
CA GLY B 272 2.38 -18.09 -14.06
C GLY B 272 3.36 -18.66 -13.05
N GLY B 273 3.06 -18.48 -11.76
CA GLY B 273 3.95 -18.91 -10.67
C GLY B 273 4.95 -17.87 -10.21
N PHE B 274 4.82 -16.64 -10.71
CA PHE B 274 5.73 -15.53 -10.40
C PHE B 274 5.87 -15.25 -8.89
N HIS B 275 4.74 -15.30 -8.17
CA HIS B 275 4.67 -15.02 -6.75
C HIS B 275 5.45 -15.98 -5.86
N LEU B 276 5.78 -17.17 -6.38
CA LEU B 276 6.49 -18.18 -5.61
C LEU B 276 7.95 -17.81 -5.38
PA NAP C . 4.40 11.66 16.51
O1A NAP C . 3.20 11.83 15.67
O2A NAP C . 4.15 12.26 17.84
O5B NAP C . 5.69 12.33 15.78
C5B NAP C . 6.12 11.92 14.48
C4B NAP C . 7.37 12.65 13.94
O4B NAP C . 7.19 12.87 12.55
C3B NAP C . 7.64 14.01 14.55
O3B NAP C . 8.98 14.12 15.01
C2B NAP C . 7.30 15.02 13.43
O2B NAP C . 7.96 16.27 13.50
C1B NAP C . 7.65 14.19 12.20
N9A NAP C . 7.09 14.72 10.91
C8A NAP C . 5.76 14.85 10.53
N7A NAP C . 5.71 15.37 9.28
C5A NAP C . 6.98 15.55 8.84
C6A NAP C . 7.51 16.05 7.63
N6A NAP C . 6.70 16.44 6.64
N1A NAP C . 8.92 16.13 7.46
C2A NAP C . 9.78 15.72 8.49
N3A NAP C . 9.24 15.24 9.70
C4A NAP C . 7.86 15.15 9.87
O3 NAP C . 4.87 10.12 16.71
PN NAP C . 4.19 8.80 16.09
O1N NAP C . 2.77 9.05 15.77
O2N NAP C . 4.47 7.72 17.08
O5D NAP C . 4.96 8.53 14.69
C5D NAP C . 5.76 7.38 14.53
C4D NAP C . 5.59 6.65 13.19
O4D NAP C . 5.09 5.36 13.48
C3D NAP C . 4.60 7.29 12.21
O3D NAP C . 5.12 7.13 10.90
C2D NAP C . 3.34 6.48 12.36
O2D NAP C . 2.53 6.45 11.21
C1D NAP C . 3.87 5.10 12.81
N1N NAP C . 2.93 4.28 13.65
C2N NAP C . 2.54 4.69 14.94
C3N NAP C . 1.79 3.86 15.80
C7N NAP C . 1.40 4.40 17.13
O7N NAP C . 0.75 3.62 17.79
N7N NAP C . 1.74 5.58 17.58
C4N NAP C . 1.45 2.58 15.24
C5N NAP C . 1.83 2.15 13.95
C6N NAP C . 2.58 3.03 13.16
P2B NAP C . 7.16 17.63 13.85
O1X NAP C . 6.89 17.65 15.37
O2X NAP C . 8.03 18.81 13.50
O3X NAP C . 5.85 17.72 13.08
#